data_4UAP
#
_entry.id   4UAP
#
_cell.length_a   48.300
_cell.length_b   84.750
_cell.length_c   86.170
_cell.angle_alpha   90.00
_cell.angle_beta   90.00
_cell.angle_gamma   90.00
#
_symmetry.space_group_name_H-M   'P 2 21 21'
#
loop_
_entity.id
_entity.type
_entity.pdbx_description
1 polymer 'Glycosyl hydrolase, family 31/fibronectin type III domain protein'
2 non-polymer 2-acetamido-2-deoxy-beta-D-galactopyranose
3 non-polymer 'CALCIUM ION'
4 non-polymer GLYCEROL
5 water water
#
_entity_poly.entity_id   1
_entity_poly.type   'polypeptide(L)'
_entity_poly.pdbx_seq_one_letter_code
;GSHMNITVSGDSSQLQSGMGLDKLIDGTTSSDDSSRMDLKWIFTSDQQDKGTLPFEMTFEFNEPKTLENFTIYNRMNSNG
TINIAAMKKVKAVGYLNGEEFDLGEKANITSATTVYELGGKEFDKIVITALDSHKDKNTLAINEIEFYEKSE
;
_entity_poly.pdbx_strand_id   A,B
#
# COMPACT_ATOMS: atom_id res chain seq x y z
N SER A 2 -1.37 22.01 17.74
CA SER A 2 -1.88 21.07 18.73
C SER A 2 -1.47 19.62 18.42
N HIS A 3 -2.45 18.79 18.12
CA HIS A 3 -2.20 17.44 17.63
C HIS A 3 -2.47 17.47 16.14
N MET A 4 -1.62 16.81 15.36
CA MET A 4 -1.71 16.91 13.91
C MET A 4 -2.03 15.55 13.28
N ASN A 5 -3.17 15.47 12.60
CA ASN A 5 -3.61 14.22 11.97
C ASN A 5 -2.79 13.91 10.73
N ILE A 6 -2.22 12.72 10.70
CA ILE A 6 -1.40 12.29 9.58
C ILE A 6 -1.96 11.02 8.96
N THR A 7 -2.06 11.01 7.63
CA THR A 7 -2.46 9.82 6.89
C THR A 7 -1.21 9.24 6.22
N VAL A 8 -1.00 7.93 6.38
CA VAL A 8 0.15 7.30 5.74
C VAL A 8 -0.30 6.25 4.72
N SER A 9 0.37 6.19 3.60
CA SER A 9 0.01 5.25 2.55
C SER A 9 1.24 4.74 1.86
N GLY A 10 1.08 3.66 1.10
CA GLY A 10 2.19 3.03 0.44
C GLY A 10 1.86 1.56 0.24
N ASP A 11 2.82 0.79 -0.27
CA ASP A 11 2.53 -0.58 -0.68
C ASP A 11 2.65 -1.58 0.48
N SER A 12 1.52 -1.85 1.10
CA SER A 12 1.48 -2.74 2.24
C SER A 12 1.82 -4.19 1.87
N SER A 13 1.80 -4.51 0.57
CA SER A 13 2.11 -5.89 0.19
C SER A 13 3.61 -6.16 0.38
N GLN A 14 4.41 -5.11 0.67
CA GLN A 14 5.84 -5.26 0.91
C GLN A 14 6.18 -5.58 2.36
N LEU A 15 5.19 -5.51 3.23
CA LEU A 15 5.43 -5.42 4.66
C LEU A 15 5.03 -6.68 5.39
N GLN A 16 5.68 -6.91 6.51
CA GLN A 16 5.41 -8.08 7.34
C GLN A 16 4.05 -7.94 8.00
N SER A 17 3.30 -9.03 8.03
CA SER A 17 1.98 -9.04 8.65
C SER A 17 2.01 -8.50 10.08
N GLY A 18 1.12 -7.58 10.40
CA GLY A 18 1.07 -7.02 11.75
C GLY A 18 2.09 -5.92 12.00
N MET A 19 2.91 -5.64 10.99
CA MET A 19 3.99 -4.65 11.08
C MET A 19 3.87 -3.69 9.90
N GLY A 20 2.66 -3.18 9.67
CA GLY A 20 2.40 -2.35 8.50
C GLY A 20 2.59 -0.85 8.71
N LEU A 21 2.09 -0.07 7.77
CA LEU A 21 2.28 1.38 7.75
C LEU A 21 1.81 2.08 9.02
N ASP A 22 0.77 1.54 9.63
CA ASP A 22 0.19 2.11 10.84
C ASP A 22 1.20 2.19 11.98
N LYS A 23 2.18 1.28 11.97
CA LYS A 23 3.20 1.24 13.02
C LYS A 23 4.20 2.40 12.90
N LEU A 24 4.13 3.13 11.80
CA LEU A 24 4.98 4.32 11.65
C LEU A 24 4.43 5.50 12.45
N ILE A 25 3.13 5.46 12.75
CA ILE A 25 2.50 6.60 13.41
C ILE A 25 1.63 6.20 14.60
N ASP A 26 1.86 5.02 15.17
CA ASP A 26 1.01 4.56 16.26
C ASP A 26 1.47 5.08 17.62
N GLY A 27 2.54 5.87 17.63
CA GLY A 27 3.03 6.47 18.87
C GLY A 27 3.98 5.58 19.64
N THR A 28 4.61 4.63 18.95
CA THR A 28 5.57 3.75 19.58
C THR A 28 6.94 3.92 18.96
N THR A 29 7.88 4.50 19.72
CA THR A 29 9.20 4.79 19.17
C THR A 29 10.26 3.77 19.57
N SER A 30 9.90 2.80 20.38
CA SER A 30 10.89 1.79 20.80
C SER A 30 11.21 0.85 19.65
N SER A 31 12.29 0.09 19.79
CA SER A 31 12.73 -0.84 18.75
C SER A 31 12.09 -2.22 18.84
N ASP A 32 11.18 -2.41 19.80
CA ASP A 32 10.48 -3.68 19.99
C ASP A 32 9.76 -4.09 18.72
N ASP A 33 9.62 -5.40 18.48
CA ASP A 33 8.90 -5.90 17.30
C ASP A 33 7.51 -5.28 17.22
N SER A 34 6.88 -5.09 18.38
CA SER A 34 5.50 -4.61 18.43
C SER A 34 5.36 -3.13 18.06
N SER A 35 6.48 -2.41 17.98
CA SER A 35 6.46 -0.97 17.63
C SER A 35 6.65 -0.69 16.14
N ARG A 36 7.26 -1.63 15.42
CA ARG A 36 7.88 -1.32 14.13
C ARG A 36 7.05 -1.61 12.89
N MET A 37 7.36 -0.87 11.82
CA MET A 37 7.04 -1.26 10.45
C MET A 37 8.26 -2.00 9.88
N ASP A 38 8.04 -3.21 9.39
CA ASP A 38 9.11 -4.04 8.82
C ASP A 38 8.73 -4.49 7.41
N LEU A 39 9.69 -4.50 6.50
CA LEU A 39 9.56 -5.24 5.25
C LEU A 39 9.33 -6.71 5.59
N LYS A 40 8.70 -7.46 4.70
CA LYS A 40 8.40 -8.88 4.97
C LYS A 40 9.62 -9.64 5.50
N TRP A 41 9.42 -10.35 6.61
CA TRP A 41 10.48 -11.20 7.15
C TRP A 41 10.79 -12.37 6.24
N ILE A 42 12.05 -12.78 6.21
CA ILE A 42 12.48 -13.94 5.46
C ILE A 42 12.48 -15.17 6.36
N PHE A 43 11.64 -16.16 6.05
CA PHE A 43 11.47 -17.33 6.90
C PHE A 43 12.14 -18.58 6.37
N THR A 44 12.32 -18.64 5.06
CA THR A 44 12.96 -19.79 4.43
C THR A 44 13.98 -19.34 3.41
N SER A 45 14.91 -20.23 3.11
CA SER A 45 15.98 -19.95 2.16
C SER A 45 15.47 -19.88 0.72
N ASP A 46 14.29 -20.43 0.45
CA ASP A 46 13.78 -20.39 -0.94
C ASP A 46 12.54 -19.49 -1.10
N GLN A 47 12.26 -18.71 -0.07
CA GLN A 47 11.13 -17.78 -0.09
C GLN A 47 11.21 -16.79 -1.25
N GLN A 48 10.11 -16.65 -1.99
CA GLN A 48 10.11 -15.74 -3.14
C GLN A 48 9.18 -14.56 -2.91
N ASP A 49 8.29 -14.70 -1.92
CA ASP A 49 7.46 -13.59 -1.43
C ASP A 49 8.27 -12.64 -0.53
N LYS A 50 8.77 -11.55 -1.09
CA LYS A 50 9.61 -10.61 -0.34
C LYS A 50 9.21 -9.15 -0.59
N GLY A 51 9.63 -8.27 0.32
CA GLY A 51 9.53 -6.85 0.08
C GLY A 51 10.85 -6.39 -0.49
N THR A 52 10.85 -5.29 -1.24
CA THR A 52 12.09 -4.78 -1.81
CA THR A 52 12.08 -4.79 -1.82
C THR A 52 12.24 -3.28 -1.65
N LEU A 53 13.46 -2.85 -1.41
CA LEU A 53 13.79 -1.43 -1.44
C LEU A 53 14.07 -1.08 -2.89
N PRO A 54 13.83 0.18 -3.28
CA PRO A 54 13.38 1.29 -2.44
C PRO A 54 11.93 1.15 -2.00
N PHE A 55 11.63 1.59 -0.79
CA PHE A 55 10.26 1.54 -0.29
C PHE A 55 9.76 2.96 0.01
N GLU A 56 8.67 3.32 -0.64
CA GLU A 56 8.13 4.67 -0.58
C GLU A 56 6.98 4.76 0.42
N MET A 57 7.09 5.72 1.33
CA MET A 57 6.08 5.96 2.35
C MET A 57 5.53 7.38 2.17
N THR A 58 4.22 7.49 1.97
CA THR A 58 3.60 8.79 1.70
C THR A 58 2.82 9.28 2.91
N PHE A 59 3.08 10.52 3.31
CA PHE A 59 2.43 11.13 4.47
C PHE A 59 1.66 12.37 4.04
N GLU A 60 0.38 12.41 4.39
CA GLU A 60 -0.45 13.53 4.00
C GLU A 60 -1.12 14.15 5.22
N PHE A 61 -1.29 15.47 5.17
CA PHE A 61 -2.05 16.18 6.17
C PHE A 61 -3.32 16.66 5.46
N ASN A 62 -4.42 16.81 6.20
CA ASN A 62 -5.67 17.23 5.56
C ASN A 62 -5.64 18.69 5.14
N GLU A 63 -4.65 19.43 5.62
CA GLU A 63 -4.40 20.78 5.14
C GLU A 63 -2.92 21.07 5.29
N PRO A 64 -2.38 22.00 4.49
CA PRO A 64 -0.95 22.32 4.55
C PRO A 64 -0.49 22.61 5.98
N LYS A 65 0.69 22.13 6.31
CA LYS A 65 1.26 22.33 7.64
C LYS A 65 2.64 22.94 7.51
N THR A 66 2.96 23.87 8.40
CA THR A 66 4.33 24.38 8.45
C THR A 66 5.08 23.54 9.50
N LEU A 67 6.15 22.91 9.05
CA LEU A 67 6.86 21.90 9.85
C LEU A 67 8.24 22.36 10.30
N GLU A 68 8.56 22.12 11.58
CA GLU A 68 9.93 22.30 12.04
C GLU A 68 10.81 21.15 11.56
N ASN A 69 10.30 19.93 11.64
CA ASN A 69 11.05 18.75 11.19
C ASN A 69 10.18 17.52 11.06
N PHE A 70 10.71 16.47 10.46
CA PHE A 70 10.21 15.15 10.79
C PHE A 70 11.38 14.31 11.25
N THR A 71 11.08 13.34 12.10
CA THR A 71 12.06 12.53 12.79
C THR A 71 11.76 11.06 12.59
N ILE A 72 12.71 10.34 12.02
CA ILE A 72 12.61 8.92 11.78
C ILE A 72 13.33 8.19 12.91
N TYR A 73 12.62 7.28 13.58
CA TYR A 73 13.21 6.50 14.66
C TYR A 73 13.66 5.15 14.12
N ASN A 74 14.96 4.91 14.19
CA ASN A 74 15.57 3.73 13.60
C ASN A 74 15.65 2.57 14.59
N ARG A 75 15.68 1.36 14.05
CA ARG A 75 15.73 0.18 14.91
C ARG A 75 17.12 0.04 15.51
N MET A 76 17.19 0.10 16.84
CA MET A 76 18.47 0.04 17.54
C MET A 76 18.58 -1.22 18.39
N ASN A 77 19.81 -1.68 18.58
CA ASN A 77 20.08 -2.78 19.51
C ASN A 77 20.08 -2.23 20.92
N SER A 78 19.94 -3.10 21.91
CA SER A 78 19.88 -2.66 23.30
C SER A 78 21.14 -1.89 23.73
N ASN A 79 22.27 -2.17 23.10
CA ASN A 79 23.51 -1.48 23.47
C ASN A 79 23.71 -0.15 22.75
N GLY A 80 22.68 0.32 22.05
CA GLY A 80 22.78 1.61 21.40
C GLY A 80 23.36 1.62 19.99
N THR A 81 23.82 0.46 19.51
CA THR A 81 24.27 0.36 18.12
C THR A 81 23.06 0.16 17.22
N ILE A 82 23.17 0.57 15.95
CA ILE A 82 22.05 0.44 15.02
C ILE A 82 21.91 -1.02 14.54
N ASN A 83 20.68 -1.53 14.52
CA ASN A 83 20.47 -2.92 14.15
C ASN A 83 20.70 -3.15 12.66
N ILE A 84 21.09 -4.36 12.31
CA ILE A 84 21.38 -4.71 10.93
C ILE A 84 20.16 -4.53 9.99
N ALA A 85 18.94 -4.60 10.53
CA ALA A 85 17.75 -4.46 9.69
C ALA A 85 17.33 -2.99 9.53
N ALA A 86 17.97 -2.08 10.26
CA ALA A 86 17.61 -0.67 10.21
C ALA A 86 17.94 0.01 8.87
N MET A 87 17.27 1.14 8.64
CA MET A 87 17.53 1.99 7.48
C MET A 87 18.98 2.50 7.48
N LYS A 88 19.59 2.56 6.30
CA LYS A 88 20.95 3.06 6.14
C LYS A 88 20.98 4.33 5.29
N LYS A 89 20.01 4.44 4.37
CA LYS A 89 19.96 5.54 3.42
C LYS A 89 18.52 5.88 3.06
N VAL A 90 18.22 7.17 3.01
CA VAL A 90 16.86 7.63 2.85
C VAL A 90 16.85 8.89 2.03
N LYS A 91 15.76 9.12 1.32
CA LYS A 91 15.55 10.41 0.69
C LYS A 91 14.14 10.86 0.99
N ALA A 92 13.86 12.14 0.75
CA ALA A 92 12.52 12.63 0.96
C ALA A 92 12.20 13.78 0.03
N VAL A 93 10.91 13.93 -0.27
CA VAL A 93 10.39 14.96 -1.14
C VAL A 93 9.14 15.53 -0.51
N GLY A 94 8.96 16.84 -0.57
CA GLY A 94 7.77 17.46 -0.03
C GLY A 94 6.97 18.08 -1.16
N TYR A 95 5.66 18.20 -0.96
CA TYR A 95 4.79 18.82 -1.96
C TYR A 95 3.90 19.89 -1.32
N LEU A 96 3.64 20.94 -2.07
CA LEU A 96 2.70 21.96 -1.67
C LEU A 96 1.99 22.45 -2.94
N ASN A 97 0.68 22.22 -3.00
CA ASN A 97 -0.12 22.59 -4.17
C ASN A 97 0.46 22.06 -5.48
N GLY A 98 0.94 20.82 -5.48
CA GLY A 98 1.55 20.25 -6.65
C GLY A 98 3.02 20.59 -6.84
N GLU A 99 3.46 21.73 -6.29
CA GLU A 99 4.87 22.14 -6.32
C GLU A 99 5.70 21.10 -5.53
N GLU A 100 6.80 20.62 -6.12
CA GLU A 100 7.66 19.60 -5.51
C GLU A 100 8.93 20.21 -4.92
N PHE A 101 9.32 19.73 -3.74
CA PHE A 101 10.52 20.21 -3.07
C PHE A 101 11.44 19.07 -2.66
N ASP A 102 12.62 19.02 -3.25
CA ASP A 102 13.61 18.00 -2.92
C ASP A 102 14.14 18.26 -1.50
N LEU A 103 13.91 17.34 -0.58
CA LEU A 103 14.39 17.53 0.78
C LEU A 103 15.74 16.84 1.00
N GLY A 104 16.21 16.14 -0.01
CA GLY A 104 17.55 15.58 0.04
C GLY A 104 17.65 14.18 0.61
N GLU A 105 18.87 13.68 0.60
CA GLU A 105 19.13 12.30 0.97
C GLU A 105 20.01 12.28 2.19
N LYS A 106 19.78 11.31 3.07
CA LYS A 106 20.67 11.11 4.20
C LYS A 106 21.22 9.70 4.12
N ALA A 107 22.54 9.57 4.20
CA ALA A 107 23.21 8.28 3.99
C ALA A 107 24.05 7.87 5.19
N ASN A 108 24.49 6.60 5.19
CA ASN A 108 25.31 6.05 6.26
CA ASN A 108 25.32 6.06 6.27
C ASN A 108 24.70 6.29 7.64
N ILE A 109 23.39 6.08 7.72
CA ILE A 109 22.68 6.31 8.97
C ILE A 109 23.16 5.34 10.03
N THR A 110 23.52 5.88 11.20
CA THR A 110 23.95 5.03 12.32
C THR A 110 23.30 5.43 13.64
N SER A 111 22.49 6.48 13.66
CA SER A 111 21.97 7.00 14.92
C SER A 111 20.53 6.58 15.20
N ALA A 112 20.08 6.76 16.44
CA ALA A 112 18.75 6.36 16.86
C ALA A 112 17.66 7.14 16.12
N THR A 113 17.97 8.37 15.71
CA THR A 113 16.99 9.15 14.93
C THR A 113 17.65 9.73 13.71
N THR A 114 16.84 9.90 12.66
CA THR A 114 17.26 10.59 11.47
C THR A 114 16.33 11.76 11.34
N VAL A 115 16.87 12.97 11.44
CA VAL A 115 16.04 14.16 11.51
C VAL A 115 16.19 15.03 10.26
N TYR A 116 15.05 15.29 9.61
CA TYR A 116 14.99 16.26 8.51
C TYR A 116 14.57 17.60 9.06
N GLU A 117 15.50 18.54 9.13
CA GLU A 117 15.17 19.88 9.63
C GLU A 117 14.57 20.68 8.49
N LEU A 118 13.34 21.13 8.68
CA LEU A 118 12.57 21.76 7.61
C LEU A 118 12.39 23.27 7.76
N GLY A 119 12.77 23.80 8.92
CA GLY A 119 12.77 25.24 9.16
C GLY A 119 11.46 25.97 8.88
N GLY A 120 10.34 25.30 9.11
CA GLY A 120 9.04 25.90 8.91
C GLY A 120 8.53 25.90 7.48
N LYS A 121 9.14 25.09 6.61
CA LYS A 121 8.61 24.95 5.26
C LYS A 121 7.21 24.34 5.35
N GLU A 122 6.36 24.68 4.39
CA GLU A 122 4.96 24.27 4.41
C GLU A 122 4.70 23.18 3.40
N PHE A 123 3.99 22.12 3.80
CA PHE A 123 3.74 20.99 2.91
C PHE A 123 2.36 20.43 3.16
N ASP A 124 1.74 19.89 2.11
CA ASP A 124 0.54 19.08 2.34
C ASP A 124 0.83 17.58 2.20
N LYS A 125 2.01 17.25 1.67
CA LYS A 125 2.42 15.86 1.48
C LYS A 125 3.93 15.71 1.60
N ILE A 126 4.38 14.63 2.24
CA ILE A 126 5.80 14.34 2.30
C ILE A 126 5.98 12.88 1.95
N VAL A 127 6.89 12.61 1.03
CA VAL A 127 7.14 11.24 0.61
C VAL A 127 8.54 10.88 1.02
N ILE A 128 8.64 9.84 1.85
CA ILE A 128 9.93 9.38 2.38
C ILE A 128 10.27 8.04 1.77
N THR A 129 11.43 7.93 1.16
CA THR A 129 11.80 6.69 0.52
C THR A 129 13.03 6.08 1.16
N ALA A 130 12.85 4.91 1.77
CA ALA A 130 13.98 4.11 2.24
C ALA A 130 14.72 3.50 1.04
N LEU A 131 16.00 3.79 0.92
CA LEU A 131 16.78 3.40 -0.25
C LEU A 131 17.67 2.20 0.04
N ASP A 132 18.14 2.11 1.28
CA ASP A 132 19.01 1.01 1.68
C ASP A 132 18.83 0.70 3.16
N SER A 133 19.11 -0.54 3.53
CA SER A 133 19.18 -0.94 4.93
C SER A 133 20.60 -1.41 5.23
N HIS A 134 20.87 -1.77 6.49
CA HIS A 134 22.19 -2.28 6.87
C HIS A 134 22.37 -3.75 6.55
N LYS A 135 21.39 -4.36 5.90
CA LYS A 135 21.47 -5.81 5.65
C LYS A 135 21.42 -6.10 4.17
N ASP A 136 20.27 -5.86 3.56
CA ASP A 136 20.08 -6.11 2.12
C ASP A 136 18.80 -5.45 1.64
N LYS A 137 18.55 -5.51 0.34
CA LYS A 137 17.45 -4.78 -0.25
C LYS A 137 16.09 -5.41 0.06
N ASN A 138 16.08 -6.55 0.76
CA ASN A 138 14.80 -7.16 1.14
C ASN A 138 14.50 -6.99 2.63
N THR A 139 15.21 -6.07 3.28
CA THR A 139 15.09 -5.92 4.72
C THR A 139 15.01 -4.44 5.12
N LEU A 140 14.12 -4.13 6.05
CA LEU A 140 13.94 -2.75 6.54
C LEU A 140 13.12 -2.76 7.80
N ALA A 141 13.57 -2.02 8.81
CA ALA A 141 12.81 -1.85 10.04
C ALA A 141 12.82 -0.38 10.44
N ILE A 142 11.64 0.18 10.66
CA ILE A 142 11.50 1.55 11.15
C ILE A 142 10.56 1.56 12.33
N ASN A 143 10.96 2.18 13.44
CA ASN A 143 10.13 2.23 14.64
C ASN A 143 8.95 3.18 14.52
N GLU A 144 9.19 4.35 13.96
CA GLU A 144 8.21 5.44 14.02
C GLU A 144 8.73 6.58 13.18
N ILE A 145 7.81 7.36 12.62
CA ILE A 145 8.18 8.63 12.01
C ILE A 145 7.26 9.68 12.61
N GLU A 146 7.86 10.72 13.19
CA GLU A 146 7.12 11.80 13.85
C GLU A 146 7.28 13.13 13.13
N PHE A 147 6.20 13.91 13.09
CA PHE A 147 6.21 15.21 12.42
C PHE A 147 6.00 16.33 13.46
N TYR A 148 6.86 17.33 13.42
CA TYR A 148 6.80 18.41 14.41
C TYR A 148 6.40 19.72 13.75
N GLU A 149 5.27 20.26 14.16
CA GLU A 149 4.73 21.47 13.54
C GLU A 149 5.40 22.73 14.10
N LYS A 150 5.57 23.74 13.25
CA LYS A 150 6.10 25.01 13.70
C LYS A 150 5.01 25.74 14.49
N SER A 151 5.24 25.87 15.79
CA SER A 151 4.39 26.57 16.76
C SER A 151 2.99 26.94 16.27
N SER B 2 -18.85 -21.83 7.66
CA SER B 2 -17.72 -21.34 6.88
C SER B 2 -17.15 -20.04 7.45
N HIS B 3 -15.82 -19.93 7.42
CA HIS B 3 -15.10 -18.81 7.99
C HIS B 3 -13.76 -18.64 7.28
N MET B 4 -13.59 -17.52 6.58
CA MET B 4 -12.35 -17.27 5.87
C MET B 4 -11.68 -16.02 6.44
N ASN B 5 -10.37 -16.08 6.65
CA ASN B 5 -9.62 -14.87 6.93
C ASN B 5 -8.95 -14.36 5.68
N ILE B 6 -9.22 -13.12 5.32
CA ILE B 6 -8.61 -12.53 4.13
C ILE B 6 -7.91 -11.24 4.47
N THR B 7 -6.65 -11.14 4.05
CA THR B 7 -5.87 -9.94 4.22
C THR B 7 -5.64 -9.37 2.83
N VAL B 8 -5.96 -8.11 2.61
CA VAL B 8 -5.69 -7.53 1.31
C VAL B 8 -4.59 -6.50 1.45
N SER B 9 -3.70 -6.45 0.47
CA SER B 9 -2.64 -5.45 0.52
C SER B 9 -2.34 -4.91 -0.87
N GLY B 10 -1.58 -3.83 -0.92
CA GLY B 10 -1.28 -3.17 -2.16
C GLY B 10 -0.96 -1.72 -1.88
N ASP B 11 -0.80 -0.94 -2.93
CA ASP B 11 -0.27 0.42 -2.76
C ASP B 11 -1.41 1.40 -2.53
N SER B 12 -1.70 1.66 -1.25
CA SER B 12 -2.78 2.56 -0.87
C SER B 12 -2.54 4.00 -1.30
N SER B 13 -1.31 4.35 -1.68
CA SER B 13 -1.03 5.71 -2.10
C SER B 13 -1.62 6.01 -3.49
N GLN B 14 -2.14 4.98 -4.16
CA GLN B 14 -2.77 5.17 -5.47
C GLN B 14 -4.26 5.49 -5.33
N LEU B 15 -4.79 5.33 -4.12
CA LEU B 15 -6.24 5.28 -3.92
C LEU B 15 -6.83 6.55 -3.34
N GLN B 16 -8.09 6.79 -3.67
CA GLN B 16 -8.83 7.93 -3.14
C GLN B 16 -9.04 7.77 -1.65
N SER B 17 -8.77 8.85 -0.90
CA SER B 17 -9.01 8.87 0.54
C SER B 17 -10.37 8.30 0.91
N GLY B 18 -10.38 7.37 1.87
CA GLY B 18 -11.62 6.78 2.35
C GLY B 18 -12.17 5.70 1.42
N MET B 19 -11.45 5.45 0.32
CA MET B 19 -11.92 4.47 -0.67
C MET B 19 -10.79 3.47 -0.94
N GLY B 20 -10.28 2.85 0.12
CA GLY B 20 -9.05 2.07 0.01
C GLY B 20 -9.26 0.58 -0.14
N LEU B 21 -8.19 -0.19 0.07
CA LEU B 21 -8.23 -1.63 -0.17
C LEU B 21 -9.29 -2.33 0.68
N ASP B 22 -9.56 -1.81 1.87
CA ASP B 22 -10.56 -2.40 2.76
C ASP B 22 -11.95 -2.43 2.11
N LYS B 23 -12.18 -1.57 1.14
CA LYS B 23 -13.49 -1.52 0.48
C LYS B 23 -13.66 -2.65 -0.54
N LEU B 24 -12.60 -3.42 -0.80
CA LEU B 24 -12.73 -4.60 -1.66
C LEU B 24 -13.39 -5.75 -0.90
N ILE B 25 -13.30 -5.73 0.43
CA ILE B 25 -13.75 -6.88 1.21
C ILE B 25 -14.64 -6.53 2.41
N ASP B 26 -15.25 -5.34 2.39
CA ASP B 26 -16.06 -4.88 3.50
C ASP B 26 -17.49 -5.39 3.43
N GLY B 27 -17.79 -6.16 2.39
CA GLY B 27 -19.10 -6.77 2.24
C GLY B 27 -20.12 -5.89 1.55
N THR B 28 -19.63 -4.92 0.78
CA THR B 28 -20.52 -4.03 0.03
C THR B 28 -20.24 -4.16 -1.47
N THR B 29 -21.19 -4.78 -2.17
CA THR B 29 -21.06 -5.05 -3.59
C THR B 29 -21.79 -4.00 -4.46
N SER B 30 -22.49 -3.08 -3.83
CA SER B 30 -23.20 -2.04 -4.58
C SER B 30 -22.23 -1.04 -5.20
N SER B 31 -22.70 -0.29 -6.21
CA SER B 31 -21.83 0.65 -6.91
C SER B 31 -21.77 2.05 -6.25
N ASP B 32 -22.45 2.23 -5.13
CA ASP B 32 -22.38 3.50 -4.39
C ASP B 32 -20.96 3.89 -3.99
N ASP B 33 -20.68 5.19 -3.93
CA ASP B 33 -19.33 5.67 -3.56
C ASP B 33 -18.83 5.03 -2.26
N SER B 34 -19.73 4.87 -1.29
CA SER B 34 -19.36 4.34 0.02
C SER B 34 -18.96 2.86 0.01
N SER B 35 -19.24 2.17 -1.10
CA SER B 35 -18.92 0.74 -1.21
C SER B 35 -17.56 0.44 -1.86
N ARG B 36 -17.04 1.38 -2.63
CA ARG B 36 -15.97 1.09 -3.60
C ARG B 36 -14.55 1.41 -3.18
N MET B 37 -13.61 0.68 -3.80
CA MET B 37 -12.21 1.08 -3.86
C MET B 37 -12.01 1.83 -5.18
N ASP B 38 -11.48 3.04 -5.12
CA ASP B 38 -11.26 3.87 -6.31
C ASP B 38 -9.83 4.35 -6.34
N LEU B 39 -9.24 4.39 -7.52
CA LEU B 39 -8.01 5.14 -7.73
C LEU B 39 -8.31 6.60 -7.41
N LYS B 40 -7.27 7.36 -7.04
CA LYS B 40 -7.46 8.78 -6.69
C LYS B 40 -8.32 9.54 -7.71
N TRP B 41 -9.30 10.27 -7.21
CA TRP B 41 -10.16 11.08 -8.07
C TRP B 41 -9.39 12.24 -8.65
N ILE B 42 -9.79 12.65 -9.85
CA ILE B 42 -9.20 13.79 -10.53
C ILE B 42 -10.09 15.01 -10.27
N PHE B 43 -9.50 16.01 -9.60
CA PHE B 43 -10.21 17.21 -9.16
C PHE B 43 -9.84 18.43 -9.98
N THR B 44 -8.63 18.45 -10.53
CA THR B 44 -8.12 19.59 -11.29
C THR B 44 -7.45 19.10 -12.56
N SER B 45 -7.33 19.98 -13.54
CA SER B 45 -6.78 19.62 -14.85
C SER B 45 -5.28 19.38 -14.82
N ASP B 46 -4.57 20.01 -13.90
CA ASP B 46 -3.12 19.85 -13.87
C ASP B 46 -2.68 19.02 -12.68
N GLN B 47 -3.47 18.00 -12.34
CA GLN B 47 -3.31 17.32 -11.07
C GLN B 47 -2.07 16.45 -11.07
N GLN B 48 -1.22 16.62 -10.06
CA GLN B 48 0.01 15.84 -9.95
C GLN B 48 -0.24 14.56 -9.16
N ASP B 49 -1.06 14.69 -8.11
CA ASP B 49 -1.42 13.59 -7.24
C ASP B 49 -2.43 12.66 -7.93
N LYS B 50 -1.94 11.61 -8.56
CA LYS B 50 -2.77 10.65 -9.29
C LYS B 50 -2.39 9.21 -8.96
N GLY B 51 -3.34 8.29 -9.10
CA GLY B 51 -3.03 6.87 -9.14
C GLY B 51 -2.88 6.43 -10.59
N THR B 52 -2.26 5.29 -10.80
CA THR B 52 -2.06 4.80 -12.17
C THR B 52 -2.18 3.29 -12.24
N LEU B 53 -2.79 2.80 -13.31
CA LEU B 53 -2.83 1.36 -13.60
C LEU B 53 -1.51 1.01 -14.30
N PRO B 54 -1.09 -0.26 -14.24
CA PRO B 54 -1.80 -1.39 -13.61
C PRO B 54 -1.79 -1.29 -12.09
N PHE B 55 -2.87 -1.69 -11.45
CA PHE B 55 -2.94 -1.64 -9.99
C PHE B 55 -3.08 -3.04 -9.42
N GLU B 56 -2.11 -3.44 -8.60
CA GLU B 56 -2.04 -4.80 -8.11
C GLU B 56 -2.65 -4.95 -6.72
N MET B 57 -3.58 -5.90 -6.57
CA MET B 57 -4.25 -6.16 -5.31
C MET B 57 -3.89 -7.58 -4.87
N THR B 58 -3.34 -7.70 -3.66
CA THR B 58 -2.91 -9.00 -3.14
C THR B 58 -3.84 -9.49 -2.02
N PHE B 59 -4.36 -10.70 -2.18
CA PHE B 59 -5.26 -11.30 -1.20
C PHE B 59 -4.61 -12.55 -0.61
N GLU B 60 -4.40 -12.56 0.70
CA GLU B 60 -3.79 -13.70 1.37
C GLU B 60 -4.76 -14.38 2.32
N PHE B 61 -4.73 -15.70 2.36
CA PHE B 61 -5.57 -16.45 3.29
C PHE B 61 -4.68 -16.99 4.40
N ASN B 62 -5.30 -17.26 5.54
CA ASN B 62 -4.60 -17.81 6.71
C ASN B 62 -3.88 -19.10 6.35
N GLU B 63 -4.54 -19.90 5.53
CA GLU B 63 -4.02 -21.19 5.09
C GLU B 63 -4.49 -21.43 3.67
N PRO B 64 -3.95 -22.49 3.03
CA PRO B 64 -4.45 -22.91 1.72
C PRO B 64 -5.96 -23.10 1.73
N LYS B 65 -6.64 -22.52 0.75
CA LYS B 65 -8.10 -22.62 0.64
C LYS B 65 -8.47 -23.27 -0.69
N THR B 66 -9.49 -24.12 -0.68
CA THR B 66 -10.00 -24.70 -1.92
C THR B 66 -11.11 -23.81 -2.46
N LEU B 67 -10.84 -23.16 -3.57
CA LEU B 67 -11.74 -22.14 -4.09
C LEU B 67 -12.55 -22.62 -5.28
N GLU B 68 -13.84 -22.34 -5.26
CA GLU B 68 -14.69 -22.58 -6.42
C GLU B 68 -14.45 -21.49 -7.46
N ASN B 69 -14.39 -20.24 -6.98
CA ASN B 69 -14.15 -19.10 -7.84
C ASN B 69 -13.88 -17.86 -7.01
N PHE B 70 -13.45 -16.78 -7.67
CA PHE B 70 -13.60 -15.48 -7.06
C PHE B 70 -14.31 -14.56 -8.05
N THR B 71 -14.98 -13.56 -7.50
CA THR B 71 -15.89 -12.71 -8.24
C THR B 71 -15.58 -11.24 -7.98
N ILE B 72 -15.35 -10.49 -9.06
CA ILE B 72 -15.10 -9.06 -8.99
C ILE B 72 -16.38 -8.32 -9.34
N TYR B 73 -16.82 -7.43 -8.45
CA TYR B 73 -18.02 -6.65 -8.70
C TYR B 73 -17.64 -5.30 -9.27
N ASN B 74 -18.09 -5.06 -10.48
CA ASN B 74 -17.71 -3.86 -11.22
C ASN B 74 -18.66 -2.72 -10.98
N ARG B 75 -18.17 -1.50 -11.15
CA ARG B 75 -18.99 -0.33 -10.92
C ARG B 75 -19.97 -0.14 -12.06
N MET B 76 -21.26 -0.17 -11.74
CA MET B 76 -22.30 -0.11 -12.74
C MET B 76 -23.15 1.15 -12.57
N ASN B 77 -23.74 1.60 -13.67
CA ASN B 77 -24.72 2.68 -13.65
C ASN B 77 -26.08 2.11 -13.22
N SER B 78 -27.00 3.00 -12.85
CA SER B 78 -28.32 2.56 -12.40
C SER B 78 -29.09 1.81 -13.49
N ASN B 79 -28.81 2.10 -14.76
CA ASN B 79 -29.52 1.41 -15.84
C ASN B 79 -28.86 0.08 -16.26
N GLY B 80 -27.87 -0.37 -15.50
CA GLY B 80 -27.28 -1.67 -15.77
C GLY B 80 -26.11 -1.68 -16.73
N THR B 81 -25.77 -0.52 -17.29
CA THR B 81 -24.55 -0.42 -18.10
C THR B 81 -23.34 -0.22 -17.18
N ILE B 82 -22.18 -0.61 -17.67
CA ILE B 82 -20.95 -0.50 -16.88
C ILE B 82 -20.46 0.96 -16.91
N ASN B 83 -20.08 1.48 -15.74
CA ASN B 83 -19.66 2.87 -15.60
C ASN B 83 -18.31 3.12 -16.24
N ILE B 84 -18.10 4.33 -16.72
CA ILE B 84 -16.87 4.69 -17.41
C ILE B 84 -15.64 4.53 -16.50
N ALA B 85 -15.83 4.56 -15.17
CA ALA B 85 -14.70 4.37 -14.26
C ALA B 85 -14.40 2.90 -13.97
N ALA B 86 -15.28 2.00 -14.42
CA ALA B 86 -15.16 0.58 -14.10
C ALA B 86 -13.93 -0.08 -14.73
N MET B 87 -13.56 -1.23 -14.18
CA MET B 87 -12.48 -2.05 -14.72
C MET B 87 -12.85 -2.58 -16.11
N LYS B 88 -11.89 -2.59 -17.02
CA LYS B 88 -12.14 -3.08 -18.38
C LYS B 88 -11.31 -4.32 -18.68
N LYS B 89 -10.14 -4.43 -18.05
CA LYS B 89 -9.27 -5.57 -18.28
C LYS B 89 -8.53 -5.91 -17.01
N VAL B 90 -8.38 -7.20 -16.74
CA VAL B 90 -7.81 -7.67 -15.49
C VAL B 90 -7.04 -8.96 -15.74
N LYS B 91 -6.05 -9.23 -14.90
CA LYS B 91 -5.39 -10.53 -14.90
C LYS B 91 -5.28 -11.02 -13.45
N ALA B 92 -5.03 -12.30 -13.29
CA ALA B 92 -4.94 -12.85 -11.95
C ALA B 92 -3.91 -13.97 -11.90
N VAL B 93 -3.27 -14.11 -10.75
CA VAL B 93 -2.31 -15.18 -10.50
C VAL B 93 -2.60 -15.77 -9.15
N GLY B 94 -2.50 -17.08 -9.04
CA GLY B 94 -2.74 -17.74 -7.78
C GLY B 94 -1.45 -18.37 -7.30
N TYR B 95 -1.32 -18.49 -5.99
CA TYR B 95 -0.13 -19.13 -5.41
C TYR B 95 -0.53 -20.22 -4.43
N LEU B 96 0.27 -21.27 -4.42
CA LEU B 96 0.16 -22.32 -3.41
C LEU B 96 1.57 -22.73 -3.02
N ASN B 97 1.90 -22.55 -1.75
CA ASN B 97 3.21 -22.95 -1.24
C ASN B 97 4.36 -22.46 -2.13
N GLY B 98 4.27 -21.19 -2.55
CA GLY B 98 5.32 -20.59 -3.34
C GLY B 98 5.18 -20.79 -4.84
N GLU B 99 4.39 -21.78 -5.22
CA GLU B 99 4.21 -22.08 -6.64
C GLU B 99 3.16 -21.16 -7.29
N GLU B 100 3.49 -20.64 -8.47
CA GLU B 100 2.67 -19.63 -9.14
C GLU B 100 1.80 -20.25 -10.23
N PHE B 101 0.55 -19.82 -10.30
CA PHE B 101 -0.40 -20.32 -11.28
C PHE B 101 -1.07 -19.18 -12.01
N ASP B 102 -0.77 -19.05 -13.30
CA ASP B 102 -1.38 -18.04 -14.15
C ASP B 102 -2.86 -18.36 -14.33
N LEU B 103 -3.72 -17.46 -13.87
CA LEU B 103 -5.15 -17.67 -13.99
C LEU B 103 -5.72 -16.99 -15.21
N GLY B 104 -4.88 -16.24 -15.93
CA GLY B 104 -5.27 -15.65 -17.20
C GLY B 104 -5.85 -14.25 -17.11
N GLU B 105 -6.08 -13.66 -18.27
CA GLU B 105 -6.61 -12.30 -18.38
C GLU B 105 -8.06 -12.34 -18.84
N LYS B 106 -8.82 -11.32 -18.44
CA LYS B 106 -10.16 -11.14 -18.97
C LYS B 106 -10.28 -9.70 -19.44
N ALA B 107 -10.69 -9.52 -20.69
CA ALA B 107 -10.66 -8.21 -21.33
C ALA B 107 -12.04 -7.76 -21.77
N ASN B 108 -12.16 -6.46 -22.08
CA ASN B 108 -13.40 -5.87 -22.58
C ASN B 108 -14.58 -6.19 -21.68
N ILE B 109 -14.33 -6.06 -20.39
CA ILE B 109 -15.34 -6.34 -19.38
C ILE B 109 -16.50 -5.36 -19.51
N THR B 110 -17.72 -5.89 -19.49
CA THR B 110 -18.93 -5.06 -19.62
C THR B 110 -20.01 -5.46 -18.62
N SER B 111 -19.78 -6.50 -17.84
CA SER B 111 -20.85 -7.02 -16.99
C SER B 111 -20.68 -6.65 -15.52
N ALA B 112 -21.74 -6.82 -14.73
CA ALA B 112 -21.73 -6.45 -13.31
C ALA B 112 -20.71 -7.23 -12.50
N THR B 113 -20.44 -8.47 -12.91
CA THR B 113 -19.43 -9.27 -12.24
C THR B 113 -18.47 -9.87 -13.24
N THR B 114 -17.24 -10.03 -12.80
CA THR B 114 -16.22 -10.74 -13.54
C THR B 114 -15.81 -11.93 -12.69
N VAL B 115 -16.06 -13.13 -13.21
CA VAL B 115 -15.86 -14.34 -12.43
C VAL B 115 -14.69 -15.16 -12.92
N TYR B 116 -13.74 -15.43 -12.03
CA TYR B 116 -12.70 -16.41 -12.31
C TYR B 116 -13.14 -17.75 -11.74
N GLU B 117 -13.43 -18.70 -12.63
CA GLU B 117 -13.81 -20.06 -12.23
C GLU B 117 -12.55 -20.87 -11.93
N LEU B 118 -12.45 -21.37 -10.70
CA LEU B 118 -11.24 -22.07 -10.27
C LEU B 118 -11.44 -23.59 -10.14
N GLY B 119 -12.69 -24.02 -10.07
CA GLY B 119 -13.01 -25.45 -10.03
C GLY B 119 -12.38 -26.23 -8.88
N GLY B 120 -12.46 -25.67 -7.68
CA GLY B 120 -11.98 -26.35 -6.49
C GLY B 120 -10.47 -26.46 -6.31
N LYS B 121 -9.70 -25.56 -6.93
CA LYS B 121 -8.25 -25.59 -6.79
C LYS B 121 -7.81 -24.86 -5.53
N GLU B 122 -6.64 -25.24 -5.04
CA GLU B 122 -6.14 -24.78 -3.74
C GLU B 122 -5.15 -23.62 -3.90
N PHE B 123 -5.35 -22.57 -3.11
CA PHE B 123 -4.47 -21.40 -3.11
C PHE B 123 -4.32 -20.84 -1.70
N ASP B 124 -3.16 -20.28 -1.40
CA ASP B 124 -3.05 -19.55 -0.14
C ASP B 124 -2.97 -18.03 -0.41
N LYS B 125 -2.91 -17.67 -1.68
CA LYS B 125 -2.80 -16.27 -2.07
C LYS B 125 -3.27 -16.07 -3.51
N ILE B 126 -3.95 -14.94 -3.76
CA ILE B 126 -4.41 -14.57 -5.09
C ILE B 126 -4.00 -13.12 -5.36
N VAL B 127 -3.34 -12.88 -6.49
CA VAL B 127 -2.96 -11.52 -6.84
C VAL B 127 -3.73 -11.11 -8.09
N ILE B 128 -4.57 -10.10 -7.92
CA ILE B 128 -5.43 -9.60 -9.00
C ILE B 128 -4.90 -8.25 -9.47
N THR B 129 -4.66 -8.11 -10.76
CA THR B 129 -4.14 -6.85 -11.26
C THR B 129 -5.09 -6.20 -12.26
N ALA B 130 -5.58 -5.01 -11.91
CA ALA B 130 -6.39 -4.22 -12.82
C ALA B 130 -5.48 -3.59 -13.85
N LEU B 131 -5.71 -3.90 -15.12
CA LEU B 131 -4.84 -3.50 -16.22
C LEU B 131 -5.36 -2.27 -16.94
N ASP B 132 -6.68 -2.21 -17.12
CA ASP B 132 -7.32 -1.08 -17.80
C ASP B 132 -8.65 -0.75 -17.18
N SER B 133 -9.08 0.51 -17.31
CA SER B 133 -10.43 0.91 -16.96
C SER B 133 -11.15 1.35 -18.23
N HIS B 134 -12.42 1.71 -18.10
CA HIS B 134 -13.16 2.22 -19.26
C HIS B 134 -12.87 3.68 -19.56
N LYS B 135 -12.09 4.34 -18.71
CA LYS B 135 -11.85 5.77 -18.89
C LYS B 135 -10.41 6.07 -19.30
N ASP B 136 -9.48 5.87 -18.38
CA ASP B 136 -8.07 6.10 -18.67
C ASP B 136 -7.20 5.42 -17.60
N LYS B 137 -5.89 5.49 -17.76
CA LYS B 137 -4.99 4.76 -16.87
C LYS B 137 -4.92 5.36 -15.46
N ASN B 138 -5.56 6.51 -15.24
CA ASN B 138 -5.59 7.12 -13.92
C ASN B 138 -6.93 6.94 -13.20
N THR B 139 -7.75 6.03 -13.71
CA THR B 139 -9.08 5.83 -13.14
C THR B 139 -9.39 4.36 -12.94
N LEU B 140 -10.01 4.05 -11.81
CA LEU B 140 -10.48 2.70 -11.54
C LEU B 140 -11.46 2.71 -10.38
N ALA B 141 -12.54 1.95 -10.53
CA ALA B 141 -13.50 1.78 -9.46
C ALA B 141 -13.90 0.32 -9.40
N ILE B 142 -13.77 -0.27 -8.22
CA ILE B 142 -14.16 -1.67 -8.00
C ILE B 142 -15.03 -1.74 -6.76
N ASN B 143 -16.19 -2.40 -6.86
CA ASN B 143 -17.11 -2.46 -5.71
C ASN B 143 -16.62 -3.40 -4.63
N GLU B 144 -16.13 -4.55 -5.04
CA GLU B 144 -15.90 -5.64 -4.11
C GLU B 144 -15.25 -6.78 -4.86
N ILE B 145 -14.49 -7.61 -4.14
CA ILE B 145 -14.01 -8.86 -4.70
C ILE B 145 -14.30 -9.96 -3.68
N GLU B 146 -15.10 -10.93 -4.09
CA GLU B 146 -15.49 -12.03 -3.23
C GLU B 146 -14.79 -13.32 -3.63
N PHE B 147 -14.52 -14.16 -2.63
CA PHE B 147 -13.88 -15.46 -2.83
C PHE B 147 -14.80 -16.56 -2.33
N TYR B 148 -15.15 -17.51 -3.19
CA TYR B 148 -16.08 -18.55 -2.83
C TYR B 148 -15.36 -19.87 -2.55
N GLU B 149 -15.39 -20.29 -1.29
CA GLU B 149 -14.73 -21.53 -0.87
C GLU B 149 -15.53 -22.76 -1.29
N LYS B 150 -14.88 -23.69 -1.97
CA LYS B 150 -15.56 -24.88 -2.47
#